data_5NX2
#
_entry.id   5NX2
#
_cell.length_a   94.435
_cell.length_b   94.435
_cell.length_c   163.905
_cell.angle_alpha   90.00
_cell.angle_beta   90.00
_cell.angle_gamma   120.00
#
_symmetry.space_group_name_H-M   'P 31 2 1'
#
loop_
_entity.id
_entity.type
_entity.pdbx_description
1 polymer 'Glucagon-like peptide 1 receptor'
2 polymer 'truncated peptide agonist'
3 branched 2-acetamido-2-deoxy-beta-D-glucopyranose-(1-4)-2-acetamido-2-deoxy-beta-D-glucopyranose
4 non-polymer 2-acetamido-2-deoxy-beta-D-glucopyranose
5 non-polymer 'octyl 1-thio-beta-D-glucopyranoside'
#
loop_
_entity_poly.entity_id
_entity_poly.type
_entity_poly.pdbx_seq_one_letter_code
_entity_poly.pdbx_strand_id
1 'polypeptide(L)'
;GPASRPQGATVSLWETVQKWREYRRQCQRSLTEDPPPATDLFCNRTFDEYACWPDGEPGSFVNVSCPWYLPWASSVPQGH
VYRFCTAEGLWLQKDNSSLPWRDLSECEESKRGERSSPEEQLLFLYIIYTVGYALSFSALVIASAILLGFRHLHCTRNYI
HLNLFASFILRALSVFIKDAALKWMYSEAAQAHQWRGLLSYQDSLSCRLVFLFMQYCVAANYYWLLVEGVYLYTLLAFSV
FSEQWIFRLYVSIGWGVPLLFVVPWGIVKYLYEDEACWARNSNMNYWLIIRLPILFAIGVNFLIFVRVIAIVVSKLKANL
MCKTDIKCRLAKSTLTLIALLATVEVIFAFVMDEHARGTLRFIKLFTELSFTSFQGLMVAILYCFANNEVQLEFRKSWER
WRLEHLHIQRDSSAAALEVLFQ
;
A
2 'polypeptide(L)' (9DK)(9DQ)GT(9DT)TSD(9DW)(9DZ) B
#
# COMPACT_ATOMS: atom_id res chain seq x y z
N THR A 10 1.04 12.72 -15.49
CA THR A 10 1.95 11.60 -15.32
C THR A 10 1.22 10.27 -15.48
N VAL A 11 1.59 9.54 -16.53
CA VAL A 11 1.02 8.23 -16.86
C VAL A 11 1.61 7.15 -15.94
N SER A 12 0.75 6.52 -15.15
CA SER A 12 1.17 5.52 -14.17
C SER A 12 1.37 4.17 -14.86
N LEU A 13 2.13 3.30 -14.21
CA LEU A 13 2.37 1.94 -14.71
C LEU A 13 1.05 1.21 -14.97
N TRP A 14 0.12 1.27 -14.02
CA TRP A 14 -1.09 0.45 -14.13
C TRP A 14 -1.92 0.93 -15.31
N GLU A 15 -2.03 2.26 -15.47
CA GLU A 15 -2.71 2.87 -16.60
C GLU A 15 -2.02 2.53 -17.91
N THR A 16 -0.69 2.39 -17.89
CA THR A 16 0.02 1.98 -19.10
C THR A 16 -0.36 0.55 -19.46
N VAL A 17 -0.49 -0.31 -18.46
CA VAL A 17 -0.87 -1.69 -18.72
C VAL A 17 -2.29 -1.77 -19.27
N GLN A 18 -3.23 -1.04 -18.66
CA GLN A 18 -4.59 -0.96 -19.17
C GLN A 18 -4.65 -0.51 -20.63
N LYS A 19 -3.96 0.59 -20.97
CA LYS A 19 -3.96 1.02 -22.35
C LYS A 19 -3.33 -0.04 -23.24
N TRP A 20 -2.23 -0.65 -22.80
CA TRP A 20 -1.58 -1.67 -23.61
C TRP A 20 -2.53 -2.83 -23.92
N ARG A 21 -3.20 -3.37 -22.90
CA ARG A 21 -4.23 -4.39 -23.11
C ARG A 21 -5.31 -3.98 -24.12
N GLU A 22 -5.78 -2.73 -24.04
CA GLU A 22 -6.74 -2.27 -25.05
C GLU A 22 -6.11 -2.20 -26.44
N TYR A 23 -4.87 -1.73 -26.53
CA TYR A 23 -4.08 -1.81 -27.75
C TYR A 23 -4.07 -3.23 -28.28
N ARG A 24 -3.79 -4.20 -27.42
CA ARG A 24 -3.78 -5.61 -27.83
C ARG A 24 -5.14 -6.07 -28.35
N ARG A 25 -6.24 -5.68 -27.69
CA ARG A 25 -7.56 -6.09 -28.17
C ARG A 25 -7.83 -5.56 -29.58
N GLN A 26 -7.71 -4.24 -29.76
CA GLN A 26 -7.92 -3.63 -31.06
C GLN A 26 -6.96 -4.19 -32.09
N CYS A 27 -5.73 -4.44 -31.66
CA CYS A 27 -4.66 -4.94 -32.52
C CYS A 27 -4.99 -6.33 -33.05
N GLN A 28 -5.34 -7.26 -32.15
CA GLN A 28 -5.79 -8.60 -32.55
C GLN A 28 -6.99 -8.53 -33.49
N ARG A 29 -7.90 -7.59 -33.25
CA ARG A 29 -9.05 -7.41 -34.13
C ARG A 29 -8.63 -7.01 -35.54
N SER A 30 -7.67 -6.09 -35.65
CA SER A 30 -7.10 -5.78 -36.97
C SER A 30 -6.45 -7.02 -37.59
N LEU A 31 -5.68 -7.78 -36.80
CA LEU A 31 -5.03 -8.98 -37.29
C LEU A 31 -6.05 -9.94 -37.90
N THR A 32 -7.21 -10.06 -37.27
CA THR A 32 -8.25 -10.96 -37.75
C THR A 32 -8.94 -10.40 -38.99
N GLU A 33 -9.17 -9.09 -39.04
CA GLU A 33 -10.06 -8.55 -40.05
C GLU A 33 -9.39 -8.00 -41.31
N ASP A 34 -8.10 -7.64 -41.29
CA ASP A 34 -7.52 -7.12 -42.53
C ASP A 34 -7.45 -8.22 -43.60
N PRO A 35 -7.75 -7.88 -44.86
CA PRO A 35 -7.72 -8.89 -45.92
C PRO A 35 -6.32 -9.43 -46.17
N PRO A 36 -6.22 -10.68 -46.64
CA PRO A 36 -4.91 -11.28 -46.94
C PRO A 36 -4.23 -10.56 -48.10
N PRO A 37 -2.92 -10.69 -48.22
CA PRO A 37 -2.18 -9.96 -49.26
C PRO A 37 -2.45 -10.51 -50.66
N ALA A 38 -2.18 -9.66 -51.64
CA ALA A 38 -2.36 -9.96 -53.06
C ALA A 38 -1.73 -11.28 -53.48
N THR A 39 -0.56 -11.63 -52.94
CA THR A 39 0.07 -12.89 -53.30
C THR A 39 0.62 -13.56 -52.04
N ASP A 40 0.80 -14.89 -52.16
CA ASP A 40 1.37 -15.69 -51.09
C ASP A 40 2.86 -15.49 -50.88
N LEU A 41 3.53 -14.74 -51.75
CA LEU A 41 4.88 -14.26 -51.47
C LEU A 41 4.80 -13.19 -50.38
N PHE A 42 4.68 -13.63 -49.12
CA PHE A 42 4.72 -12.65 -48.04
C PHE A 42 4.99 -13.29 -46.69
N CYS A 43 5.77 -12.59 -45.88
CA CYS A 43 5.91 -12.82 -44.45
C CYS A 43 4.59 -12.49 -43.73
N ASN A 44 4.30 -13.25 -42.67
CA ASN A 44 3.05 -13.10 -41.93
C ASN A 44 2.99 -11.97 -40.92
N ARG A 45 1.92 -11.17 -40.99
CA ARG A 45 1.52 -10.20 -39.98
C ARG A 45 1.71 -10.84 -38.60
N THR A 46 2.01 -10.08 -37.56
CA THR A 46 2.17 -10.66 -36.23
C THR A 46 2.13 -9.57 -35.18
N PHE A 47 1.68 -9.92 -33.98
CA PHE A 47 1.74 -8.98 -32.90
C PHE A 47 2.88 -9.52 -32.05
N ASP A 48 3.92 -8.71 -31.87
CA ASP A 48 5.10 -9.15 -31.12
C ASP A 48 5.15 -8.64 -29.72
N GLU A 49 4.01 -8.11 -29.26
CA GLU A 49 3.72 -7.51 -27.93
C GLU A 49 4.19 -6.07 -27.80
N TYR A 50 4.79 -5.53 -28.85
CA TYR A 50 5.19 -4.13 -28.84
C TYR A 50 4.52 -3.38 -29.97
N ALA A 51 4.12 -4.10 -31.01
CA ALA A 51 3.43 -3.47 -32.13
C ALA A 51 2.68 -4.51 -32.95
N CYS A 52 1.64 -4.08 -33.67
CA CYS A 52 0.96 -4.94 -34.64
C CYS A 52 1.62 -4.81 -36.00
N TRP A 53 2.20 -5.87 -36.45
CA TRP A 53 2.83 -5.68 -37.74
C TRP A 53 1.90 -6.24 -38.79
N PRO A 54 1.56 -5.46 -39.82
CA PRO A 54 0.82 -6.00 -40.95
C PRO A 54 1.71 -6.86 -41.84
N ASP A 55 1.07 -7.51 -42.80
CA ASP A 55 1.82 -8.20 -43.83
C ASP A 55 2.71 -7.21 -44.57
N GLY A 56 3.78 -7.73 -45.15
CA GLY A 56 4.73 -6.92 -45.88
C GLY A 56 4.95 -7.41 -47.30
N GLU A 57 5.09 -6.45 -48.22
CA GLU A 57 5.56 -6.82 -49.54
C GLU A 57 7.00 -7.31 -49.42
N PRO A 58 7.37 -8.39 -50.12
CA PRO A 58 8.76 -8.82 -50.08
C PRO A 58 9.70 -7.72 -50.56
N GLY A 59 10.81 -7.58 -49.83
CA GLY A 59 11.81 -6.58 -50.18
C GLY A 59 11.35 -5.16 -49.99
N SER A 60 10.51 -4.90 -49.00
CA SER A 60 10.06 -3.56 -48.70
C SER A 60 10.06 -3.32 -47.20
N PHE A 61 10.07 -2.04 -46.84
CA PHE A 61 9.85 -1.62 -45.46
C PHE A 61 8.37 -1.51 -45.11
N VAL A 62 8.05 -1.95 -43.90
CA VAL A 62 6.71 -1.90 -43.33
C VAL A 62 6.77 -0.91 -42.16
N ASN A 63 5.81 0.01 -42.11
CA ASN A 63 5.76 0.98 -41.03
C ASN A 63 4.48 0.91 -40.22
N VAL A 64 4.63 1.13 -38.92
CA VAL A 64 3.50 1.32 -38.03
C VAL A 64 3.93 2.46 -37.12
N SER A 65 2.99 3.28 -36.68
CA SER A 65 3.35 4.28 -35.69
C SER A 65 3.91 3.58 -34.46
N CYS A 66 4.85 4.22 -33.76
CA CYS A 66 5.21 3.72 -32.45
C CYS A 66 3.92 3.52 -31.66
N PRO A 67 3.74 2.37 -31.01
CA PRO A 67 2.47 2.10 -30.31
C PRO A 67 2.12 3.17 -29.28
N TRP A 68 0.87 3.63 -29.41
CA TRP A 68 0.27 4.75 -28.69
C TRP A 68 0.07 4.48 -27.21
N TYR A 69 0.30 3.26 -26.73
CA TYR A 69 0.10 3.10 -25.29
C TYR A 69 1.33 3.57 -24.53
N LEU A 70 2.42 3.91 -25.22
CA LEU A 70 3.57 4.41 -24.50
C LEU A 70 3.13 5.69 -23.81
N PRO A 71 3.51 5.93 -22.56
CA PRO A 71 3.13 7.20 -21.93
C PRO A 71 3.54 8.44 -22.71
N TRP A 72 4.66 8.40 -23.42
CA TRP A 72 5.22 9.53 -24.17
C TRP A 72 5.07 9.41 -25.69
N ALA A 73 4.21 8.50 -26.17
CA ALA A 73 4.08 8.32 -27.61
C ALA A 73 3.76 9.65 -28.31
N SER A 74 3.02 10.51 -27.62
CA SER A 74 2.61 11.83 -28.11
C SER A 74 3.76 12.80 -28.29
N SER A 75 4.90 12.58 -27.64
CA SER A 75 6.00 13.49 -27.88
C SER A 75 6.79 13.18 -29.16
N VAL A 76 6.65 11.99 -29.72
CA VAL A 76 7.38 11.67 -30.95
C VAL A 76 6.39 11.21 -32.01
N PRO A 77 5.29 11.95 -32.28
CA PRO A 77 4.28 11.40 -33.20
C PRO A 77 4.84 11.19 -34.59
N GLN A 78 5.88 11.95 -34.95
CA GLN A 78 6.50 11.79 -36.25
C GLN A 78 7.32 10.52 -36.34
N GLY A 79 7.62 9.88 -35.21
CA GLY A 79 8.38 8.66 -35.28
C GLY A 79 7.51 7.48 -35.68
N HIS A 80 8.17 6.48 -36.26
CA HIS A 80 7.55 5.23 -36.66
C HIS A 80 8.45 4.07 -36.31
N VAL A 81 7.87 2.91 -36.10
CA VAL A 81 8.72 1.74 -35.97
C VAL A 81 8.48 0.94 -37.25
N TYR A 82 9.52 0.23 -37.67
CA TYR A 82 9.54 -0.44 -38.97
C TYR A 82 10.04 -1.88 -38.84
N ARG A 83 9.50 -2.72 -39.71
CA ARG A 83 10.06 -4.04 -39.95
C ARG A 83 10.36 -4.17 -41.44
N PHE A 84 11.13 -5.20 -41.76
CA PHE A 84 11.41 -5.58 -43.13
C PHE A 84 10.85 -6.98 -43.35
N CYS A 85 10.00 -7.10 -44.35
CA CYS A 85 9.46 -8.39 -44.75
C CYS A 85 10.47 -8.88 -45.79
N THR A 86 11.21 -9.95 -45.49
CA THR A 86 12.26 -10.38 -46.42
C THR A 86 11.71 -11.00 -47.71
N ALA A 87 12.63 -11.13 -48.68
CA ALA A 87 12.31 -11.57 -50.02
C ALA A 87 11.90 -13.04 -50.06
N GLU A 88 12.19 -13.79 -49.01
CA GLU A 88 11.81 -15.19 -48.90
C GLU A 88 10.47 -15.33 -48.19
N GLY A 89 9.82 -14.22 -47.88
CA GLY A 89 8.52 -14.22 -47.25
C GLY A 89 8.56 -14.60 -45.79
N LEU A 90 9.72 -14.47 -45.17
CA LEU A 90 9.94 -14.59 -43.74
C LEU A 90 10.25 -13.22 -43.17
N TRP A 91 9.77 -12.92 -41.96
CA TRP A 91 10.24 -11.67 -41.34
C TRP A 91 11.73 -11.72 -41.08
N LEU A 92 12.38 -10.61 -41.40
CA LEU A 92 13.80 -10.42 -41.15
C LEU A 92 14.17 -10.65 -39.70
N GLN A 93 15.20 -11.45 -39.49
CA GLN A 93 15.65 -11.72 -38.15
C GLN A 93 17.16 -11.86 -38.27
N LYS A 94 17.87 -11.49 -37.20
CA LYS A 94 19.31 -11.71 -37.16
C LYS A 94 19.67 -13.13 -36.77
N ASP A 95 20.65 -13.71 -37.48
CA ASP A 95 21.08 -15.07 -37.17
C ASP A 95 21.36 -15.20 -35.68
N ASN A 96 21.65 -14.06 -35.06
CA ASN A 96 22.11 -13.89 -33.69
C ASN A 96 20.90 -13.85 -32.74
N SER A 97 20.13 -12.76 -32.80
CA SER A 97 19.08 -12.46 -31.82
C SER A 97 17.95 -13.48 -31.77
N SER A 98 17.78 -14.33 -32.79
CA SER A 98 16.94 -15.53 -32.71
C SER A 98 15.46 -15.15 -32.71
N LEU A 99 15.21 -13.86 -32.71
CA LEU A 99 14.02 -13.04 -32.58
C LEU A 99 14.08 -12.05 -33.73
N PRO A 100 12.95 -11.61 -34.26
CA PRO A 100 13.02 -10.73 -35.43
C PRO A 100 13.52 -9.35 -35.05
N TRP A 101 14.32 -8.82 -35.96
CA TRP A 101 14.79 -7.45 -35.95
C TRP A 101 13.67 -6.42 -36.00
N ARG A 102 13.85 -5.39 -35.18
CA ARG A 102 13.04 -4.18 -35.17
C ARG A 102 13.96 -3.00 -34.90
N ASP A 103 13.55 -1.83 -35.39
CA ASP A 103 14.18 -0.56 -35.08
C ASP A 103 13.20 0.29 -34.29
N LEU A 104 13.55 0.53 -33.03
CA LEU A 104 12.75 1.31 -32.10
C LEU A 104 13.35 2.68 -31.82
N SER A 105 14.35 3.09 -32.61
CA SER A 105 15.19 4.21 -32.21
C SER A 105 14.45 5.53 -32.13
N GLU A 106 13.45 5.76 -33.00
CA GLU A 106 12.83 7.08 -32.91
C GLU A 106 12.02 7.24 -31.63
N CYS A 107 11.77 6.10 -30.98
CA CYS A 107 11.01 5.87 -29.77
C CYS A 107 11.89 5.38 -28.62
N GLU A 108 13.21 5.39 -28.81
CA GLU A 108 14.13 5.00 -27.75
C GLU A 108 14.12 5.89 -26.53
N GLU A 109 13.52 7.10 -26.58
CA GLU A 109 13.53 7.84 -25.32
C GLU A 109 12.66 7.12 -24.31
N SER A 110 11.87 6.15 -24.80
CA SER A 110 11.11 5.26 -23.95
C SER A 110 11.95 4.67 -22.82
N LYS A 111 13.21 4.35 -23.08
CA LYS A 111 14.02 3.75 -22.02
C LYS A 111 14.31 4.74 -20.91
N ARG A 112 14.57 6.01 -21.26
CA ARG A 112 15.10 6.94 -20.29
C ARG A 112 14.18 8.11 -19.97
N GLY A 113 12.97 8.13 -20.53
CA GLY A 113 12.06 9.24 -20.28
C GLY A 113 11.45 9.20 -18.89
N GLU A 114 10.89 10.34 -18.50
CA GLU A 114 10.30 10.52 -17.18
C GLU A 114 8.77 10.53 -17.20
N ARG A 115 8.14 10.30 -18.35
CA ARG A 115 6.70 10.44 -18.45
C ARG A 115 5.95 9.39 -17.62
N SER A 116 6.56 8.23 -17.40
CA SER A 116 5.91 7.16 -16.65
C SER A 116 6.25 7.30 -15.17
N SER A 117 5.52 8.20 -14.50
CA SER A 117 5.73 8.57 -13.11
C SER A 117 4.40 8.58 -12.38
N PRO A 118 4.39 8.34 -11.06
CA PRO A 118 3.15 8.48 -10.30
C PRO A 118 2.77 9.93 -10.14
N GLU A 119 1.49 10.15 -9.82
CA GLU A 119 1.03 11.51 -9.54
C GLU A 119 1.85 12.10 -8.39
N GLU A 120 2.26 13.36 -8.56
CA GLU A 120 3.21 13.98 -7.64
C GLU A 120 2.63 14.13 -6.24
N GLN A 121 1.30 14.21 -6.12
CA GLN A 121 0.67 14.38 -4.82
C GLN A 121 0.96 13.19 -3.89
N LEU A 122 0.95 11.98 -4.45
CA LEU A 122 1.29 10.81 -3.65
C LEU A 122 2.75 10.86 -3.21
N LEU A 123 3.62 11.42 -4.05
CA LEU A 123 4.99 11.69 -3.63
C LEU A 123 5.05 12.75 -2.54
N PHE A 124 4.07 13.66 -2.51
CA PHE A 124 4.00 14.63 -1.42
C PHE A 124 3.63 13.94 -0.11
N LEU A 125 2.67 13.02 -0.15
CA LEU A 125 2.31 12.28 1.06
C LEU A 125 3.42 11.32 1.49
N TYR A 126 4.23 10.85 0.53
CA TYR A 126 5.22 9.82 0.82
C TYR A 126 6.25 10.31 1.83
N ILE A 127 6.75 11.52 1.66
CA ILE A 127 7.75 12.05 2.58
C ILE A 127 7.16 12.18 3.97
N ILE A 128 5.88 12.55 4.05
CA ILE A 128 5.24 12.77 5.35
C ILE A 128 5.11 11.46 6.10
N TYR A 129 4.42 10.48 5.50
CA TYR A 129 4.21 9.24 6.24
C TYR A 129 5.52 8.47 6.45
N THR A 130 6.50 8.66 5.55
CA THR A 130 7.80 8.04 5.77
C THR A 130 8.50 8.65 6.98
N VAL A 131 8.44 9.97 7.13
CA VAL A 131 9.04 10.59 8.33
C VAL A 131 8.29 10.15 9.58
N GLY A 132 6.96 10.02 9.49
CA GLY A 132 6.19 9.66 10.67
C GLY A 132 6.46 8.24 11.13
N TYR A 133 6.62 7.32 10.17
CA TYR A 133 7.00 5.95 10.54
C TYR A 133 8.47 5.84 10.90
N ALA A 134 9.31 6.79 10.49
CA ALA A 134 10.70 6.77 10.92
C ALA A 134 10.83 7.19 12.38
N LEU A 135 10.23 8.33 12.74
CA LEU A 135 10.29 8.76 14.14
C LEU A 135 9.49 7.83 15.03
N SER A 136 8.35 7.32 14.54
CA SER A 136 7.60 6.34 15.31
C SER A 136 8.41 5.06 15.50
N PHE A 137 9.10 4.62 14.45
CA PHE A 137 9.90 3.41 14.55
C PHE A 137 11.03 3.59 15.57
N SER A 138 11.69 4.74 15.55
CA SER A 138 12.81 4.97 16.45
C SER A 138 12.34 5.07 17.89
N ALA A 139 11.36 5.95 18.16
CA ALA A 139 10.91 6.14 19.52
C ALA A 139 10.24 4.88 20.08
N LEU A 140 9.57 4.10 19.22
CA LEU A 140 9.01 2.84 19.67
C LEU A 140 10.10 1.81 19.96
N VAL A 141 11.22 1.87 19.23
CA VAL A 141 12.33 0.98 19.55
C VAL A 141 12.93 1.35 20.91
N ILE A 142 13.09 2.65 21.17
CA ILE A 142 13.66 3.08 22.44
C ILE A 142 12.73 2.74 23.59
N ALA A 143 11.44 3.08 23.45
CA ALA A 143 10.48 2.84 24.52
C ALA A 143 10.29 1.35 24.77
N SER A 144 10.26 0.54 23.70
CA SER A 144 10.14 -0.90 23.89
C SER A 144 11.37 -1.46 24.57
N ALA A 145 12.55 -0.90 24.28
CA ALA A 145 13.74 -1.32 25.01
C ALA A 145 13.68 -0.90 26.48
N ILE A 146 13.03 0.22 26.78
CA ILE A 146 12.96 0.68 28.15
C ILE A 146 12.01 -0.18 28.97
N LEU A 147 10.80 -0.41 28.45
CA LEU A 147 9.85 -1.24 29.18
C LEU A 147 10.32 -2.68 29.26
N LEU A 148 10.93 -3.19 28.19
CA LEU A 148 11.46 -4.55 28.22
C LEU A 148 12.65 -4.68 29.15
N GLY A 149 13.45 -3.62 29.30
CA GLY A 149 14.72 -3.76 29.99
C GLY A 149 14.66 -3.76 31.50
N PHE A 150 13.67 -3.09 32.09
CA PHE A 150 13.60 -2.92 33.54
C PHE A 150 12.77 -4.04 34.16
N ARG A 151 13.40 -4.80 35.07
CA ARG A 151 12.67 -5.86 35.76
C ARG A 151 11.61 -5.30 36.70
N HIS A 152 11.80 -4.08 37.19
CA HIS A 152 10.83 -3.45 38.09
C HIS A 152 9.60 -2.92 37.34
N LEU A 153 9.65 -2.85 36.01
CA LEU A 153 8.55 -2.32 35.21
C LEU A 153 7.74 -3.42 34.52
N HIS A 154 7.94 -4.68 34.89
CA HIS A 154 7.33 -5.80 34.16
C HIS A 154 5.86 -5.96 34.57
N CYS A 155 5.07 -4.98 34.13
CA CYS A 155 3.62 -5.02 34.29
C CYS A 155 2.98 -5.88 33.22
N THR A 156 1.79 -6.42 33.53
CA THR A 156 0.99 -7.08 32.51
C THR A 156 0.55 -6.10 31.43
N ARG A 157 0.03 -4.94 31.86
CA ARG A 157 -0.36 -3.91 30.91
C ARG A 157 0.85 -3.40 30.13
N ASN A 158 2.02 -3.38 30.76
CA ASN A 158 3.24 -3.01 30.03
C ASN A 158 3.60 -4.05 28.99
N TYR A 159 3.30 -5.34 29.23
CA TYR A 159 3.48 -6.32 28.17
C TYR A 159 2.47 -6.13 27.05
N ILE A 160 1.26 -5.67 27.37
CA ILE A 160 0.28 -5.39 26.33
C ILE A 160 0.75 -4.21 25.47
N HIS A 161 1.20 -3.13 26.12
CA HIS A 161 1.73 -2.00 25.39
C HIS A 161 2.99 -2.39 24.62
N LEU A 162 3.76 -3.34 25.14
CA LEU A 162 4.93 -3.83 24.41
C LEU A 162 4.51 -4.56 23.14
N ASN A 163 3.40 -5.30 23.20
CA ASN A 163 2.88 -5.93 21.99
C ASN A 163 2.38 -4.88 21.00
N LEU A 164 1.76 -3.80 21.50
CA LEU A 164 1.36 -2.73 20.60
C LEU A 164 2.55 -2.06 19.96
N PHE A 165 3.65 -1.92 20.70
CA PHE A 165 4.87 -1.35 20.15
C PHE A 165 5.43 -2.25 19.06
N ALA A 166 5.44 -3.57 19.30
CA ALA A 166 5.91 -4.49 18.26
C ALA A 166 5.02 -4.44 17.04
N SER A 167 3.72 -4.21 17.22
CA SER A 167 2.82 -4.13 16.08
C SER A 167 3.08 -2.87 15.26
N PHE A 168 3.27 -1.72 15.92
CA PHE A 168 3.58 -0.50 15.19
C PHE A 168 4.94 -0.61 14.49
N ILE A 169 5.90 -1.29 15.12
CA ILE A 169 7.24 -1.40 14.53
C ILE A 169 7.21 -2.32 13.31
N LEU A 170 6.53 -3.46 13.43
CA LEU A 170 6.39 -4.33 12.26
C LEU A 170 5.60 -3.65 11.15
N ARG A 171 4.65 -2.79 11.52
CA ARG A 171 3.91 -2.03 10.50
C ARG A 171 4.84 -1.08 9.77
N ALA A 172 5.67 -0.33 10.51
CA ALA A 172 6.59 0.60 9.85
C ALA A 172 7.59 -0.15 8.98
N LEU A 173 8.02 -1.34 9.40
CA LEU A 173 8.94 -2.11 8.56
C LEU A 173 8.26 -2.57 7.28
N SER A 174 7.03 -3.08 7.39
CA SER A 174 6.33 -3.55 6.20
C SER A 174 6.04 -2.41 5.24
N VAL A 175 5.70 -1.23 5.76
CA VAL A 175 5.51 -0.08 4.89
C VAL A 175 6.82 0.33 4.25
N PHE A 176 7.94 0.15 4.95
CA PHE A 176 9.24 0.46 4.34
C PHE A 176 9.55 -0.49 3.19
N ILE A 177 9.29 -1.79 3.38
CA ILE A 177 9.52 -2.73 2.28
C ILE A 177 8.58 -2.46 1.12
N LYS A 178 7.35 -2.00 1.41
CA LYS A 178 6.45 -1.62 0.34
C LYS A 178 7.00 -0.44 -0.44
N ASP A 179 7.51 0.58 0.26
CA ASP A 179 8.06 1.74 -0.42
C ASP A 179 9.30 1.38 -1.23
N ALA A 180 10.09 0.42 -0.74
CA ALA A 180 11.23 -0.04 -1.53
C ALA A 180 10.79 -0.76 -2.80
N ALA A 181 9.73 -1.56 -2.70
CA ALA A 181 9.26 -2.29 -3.89
C ALA A 181 8.66 -1.34 -4.92
N LEU A 182 7.74 -0.47 -4.48
CA LEU A 182 7.14 0.49 -5.40
C LEU A 182 8.16 1.47 -5.94
N LYS A 183 9.15 1.86 -5.14
CA LYS A 183 10.22 2.71 -5.63
C LYS A 183 11.05 2.02 -6.70
N TRP A 184 11.30 0.71 -6.51
CA TRP A 184 11.98 -0.05 -7.55
C TRP A 184 11.14 -0.19 -8.80
N MET A 185 9.81 -0.22 -8.66
CA MET A 185 8.94 -0.39 -9.82
C MET A 185 9.04 0.79 -10.79
N TYR A 186 9.31 1.98 -10.28
CA TYR A 186 9.52 3.17 -11.12
C TYR A 186 10.98 3.44 -11.40
N SER A 187 11.90 2.63 -10.87
CA SER A 187 13.32 2.86 -11.09
C SER A 187 13.69 2.57 -12.55
N GLU A 188 14.78 3.22 -12.99
CA GLU A 188 15.22 3.07 -14.38
C GLU A 188 15.57 1.63 -14.71
N ALA A 189 16.04 0.86 -13.73
CA ALA A 189 16.43 -0.52 -14.00
C ALA A 189 15.21 -1.40 -14.26
N ALA A 190 14.22 -1.36 -13.37
CA ALA A 190 13.00 -2.12 -13.59
C ALA A 190 12.22 -1.59 -14.78
N GLN A 191 12.23 -0.27 -14.97
CA GLN A 191 11.65 0.35 -16.16
C GLN A 191 12.69 0.33 -17.27
N ALA A 192 13.03 -0.87 -17.70
CA ALA A 192 13.97 -1.08 -18.79
C ALA A 192 13.33 -0.68 -20.13
N HIS A 193 14.18 -0.44 -21.13
CA HIS A 193 13.68 -0.30 -22.49
C HIS A 193 12.83 -1.51 -22.83
N GLN A 194 11.57 -1.27 -23.17
CA GLN A 194 10.61 -2.35 -23.41
C GLN A 194 10.65 -3.32 -22.23
N TRP A 195 10.35 -2.78 -21.06
CA TRP A 195 10.74 -3.39 -19.80
C TRP A 195 10.23 -4.82 -19.68
N ARG A 196 11.11 -5.72 -19.23
CA ARG A 196 10.80 -7.14 -19.11
C ARG A 196 11.21 -7.63 -17.74
N GLY A 197 12.28 -7.05 -17.18
CA GLY A 197 12.70 -7.44 -15.84
C GLY A 197 11.65 -7.10 -14.80
N LEU A 198 10.92 -6.01 -14.99
CA LEU A 198 9.79 -5.70 -14.11
C LEU A 198 8.70 -6.76 -14.22
N LEU A 199 8.46 -7.28 -15.42
CA LEU A 199 7.48 -8.35 -15.57
C LEU A 199 7.98 -9.64 -14.93
N SER A 200 9.28 -9.91 -15.02
CA SER A 200 9.83 -11.07 -14.33
C SER A 200 9.71 -10.91 -12.82
N TYR A 201 9.84 -9.69 -12.32
CA TYR A 201 9.57 -9.45 -10.91
C TYR A 201 8.09 -9.64 -10.58
N GLN A 202 7.20 -9.33 -11.52
CA GLN A 202 5.77 -9.55 -11.28
C GLN A 202 5.45 -11.02 -11.12
N ASP A 203 6.14 -11.89 -11.85
CA ASP A 203 5.91 -13.32 -11.72
C ASP A 203 6.48 -13.88 -10.42
N SER A 204 7.38 -13.15 -9.77
CA SER A 204 8.01 -13.62 -8.55
C SER A 204 7.03 -13.64 -7.39
N LEU A 205 7.24 -14.60 -6.49
CA LEU A 205 6.50 -14.61 -5.23
C LEU A 205 6.85 -13.40 -4.38
N SER A 206 8.06 -12.86 -4.54
CA SER A 206 8.48 -11.72 -3.74
C SER A 206 7.64 -10.48 -4.02
N CYS A 207 7.09 -10.35 -5.24
CA CYS A 207 6.26 -9.19 -5.55
C CYS A 207 5.02 -9.16 -4.68
N ARG A 208 4.39 -10.31 -4.47
CA ARG A 208 3.11 -10.37 -3.78
C ARG A 208 3.25 -10.63 -2.29
N LEU A 209 4.28 -11.39 -1.88
CA LEU A 209 4.44 -11.73 -0.47
C LEU A 209 4.73 -10.50 0.37
N VAL A 210 5.45 -9.52 -0.17
CA VAL A 210 5.74 -8.32 0.58
C VAL A 210 4.46 -7.54 0.86
N PHE A 211 3.57 -7.47 -0.15
CA PHE A 211 2.34 -6.70 0.01
C PHE A 211 1.36 -7.42 0.93
N LEU A 212 1.33 -8.76 0.86
CA LEU A 212 0.53 -9.50 1.83
C LEU A 212 1.07 -9.33 3.24
N PHE A 213 2.40 -9.28 3.38
CA PHE A 213 3.00 -9.06 4.69
C PHE A 213 2.65 -7.68 5.22
N MET A 214 2.54 -6.72 4.31
CA MET A 214 2.13 -5.40 4.70
C MET A 214 0.70 -5.44 5.19
N GLN A 215 -0.15 -6.15 4.47
CA GLN A 215 -1.56 -6.24 4.85
C GLN A 215 -1.70 -6.87 6.23
N TYR A 216 -0.90 -7.88 6.54
CA TYR A 216 -0.95 -8.47 7.87
C TYR A 216 -0.46 -7.49 8.93
N CYS A 217 0.63 -6.76 8.65
CA CYS A 217 1.10 -5.82 9.67
C CYS A 217 0.09 -4.71 9.92
N VAL A 218 -0.63 -4.29 8.88
CA VAL A 218 -1.61 -3.21 9.05
C VAL A 218 -2.83 -3.71 9.83
N ALA A 219 -3.40 -4.83 9.40
CA ALA A 219 -4.58 -5.35 10.10
C ALA A 219 -4.26 -5.75 11.53
N ALA A 220 -3.06 -6.28 11.75
CA ALA A 220 -2.61 -6.59 13.11
C ALA A 220 -2.42 -5.32 13.93
N ASN A 221 -2.02 -4.22 13.30
CA ASN A 221 -1.89 -2.97 14.05
C ASN A 221 -3.25 -2.44 14.47
N TYR A 222 -4.22 -2.45 13.55
CA TYR A 222 -5.54 -1.95 13.93
C TYR A 222 -6.20 -2.85 14.97
N TYR A 223 -6.06 -4.17 14.82
CA TYR A 223 -6.62 -5.07 15.82
C TYR A 223 -5.92 -4.93 17.16
N TRP A 224 -4.61 -4.59 17.16
CA TRP A 224 -3.94 -4.35 18.42
C TRP A 224 -4.39 -3.05 19.08
N LEU A 225 -4.73 -2.02 18.28
CA LEU A 225 -5.36 -0.85 18.86
C LEU A 225 -6.71 -1.22 19.46
N LEU A 226 -7.44 -2.13 18.80
CA LEU A 226 -8.71 -2.60 19.37
C LEU A 226 -8.49 -3.33 20.68
N VAL A 227 -7.42 -4.13 20.77
CA VAL A 227 -7.11 -4.80 22.03
C VAL A 227 -6.76 -3.78 23.10
N GLU A 228 -6.13 -2.67 22.70
CA GLU A 228 -5.82 -1.62 23.66
C GLU A 228 -7.09 -1.00 24.23
N GLY A 229 -8.05 -0.71 23.36
CA GLY A 229 -9.29 -0.11 23.84
C GLY A 229 -10.11 -1.05 24.70
N VAL A 230 -10.20 -2.33 24.30
CA VAL A 230 -10.94 -3.29 25.11
C VAL A 230 -10.26 -3.48 26.46
N TYR A 231 -8.93 -3.44 26.48
CA TYR A 231 -8.22 -3.60 27.74
C TYR A 231 -8.46 -2.41 28.66
N LEU A 232 -8.52 -1.20 28.09
CA LEU A 232 -8.84 -0.03 28.91
C LEU A 232 -10.25 -0.13 29.48
N TYR A 233 -11.20 -0.59 28.66
CA TYR A 233 -12.56 -0.73 29.16
C TYR A 233 -12.66 -1.82 30.23
N THR A 234 -11.84 -2.87 30.13
CA THR A 234 -11.86 -3.89 31.18
C THR A 234 -11.27 -3.35 32.47
N LEU A 235 -10.20 -2.55 32.36
CA LEU A 235 -9.59 -2.02 33.59
C LEU A 235 -10.47 -0.95 34.24
N LEU A 236 -11.32 -0.28 33.47
CA LEU A 236 -12.09 0.81 34.04
C LEU A 236 -13.53 0.42 34.38
N ALA A 237 -14.24 -0.20 33.45
CA ALA A 237 -15.64 -0.55 33.71
C ALA A 237 -15.76 -1.69 34.71
N PHE A 238 -14.88 -2.69 34.62
CA PHE A 238 -14.87 -3.78 35.58
C PHE A 238 -14.09 -3.44 36.84
N SER A 239 -13.09 -2.56 36.74
CA SER A 239 -12.23 -2.19 37.88
C SER A 239 -11.61 -3.44 38.52
N VAL A 240 -11.21 -4.39 37.69
CA VAL A 240 -10.69 -5.67 38.15
C VAL A 240 -9.21 -5.77 37.82
N PHE A 241 -8.52 -6.62 38.58
CA PHE A 241 -7.14 -7.03 38.26
C PHE A 241 -7.23 -8.27 37.39
N SER A 242 -7.51 -8.03 36.11
CA SER A 242 -7.73 -9.09 35.14
C SER A 242 -6.47 -9.92 34.93
N GLU A 243 -6.79 -11.21 34.74
CA GLU A 243 -5.94 -12.41 34.65
C GLU A 243 -5.28 -12.84 33.34
N GLN A 244 -4.80 -14.09 33.33
CA GLN A 244 -4.02 -14.55 32.18
C GLN A 244 -4.89 -15.19 31.09
N TRP A 245 -6.09 -15.65 31.43
CA TRP A 245 -6.93 -16.20 30.37
C TRP A 245 -7.31 -15.14 29.36
N ILE A 246 -7.65 -13.94 29.86
CA ILE A 246 -7.93 -12.81 28.98
C ILE A 246 -6.69 -12.38 28.22
N PHE A 247 -5.50 -12.48 28.84
CA PHE A 247 -4.28 -12.11 28.14
C PHE A 247 -3.96 -13.09 27.01
N ARG A 248 -4.16 -14.38 27.26
CA ARG A 248 -4.02 -15.40 26.23
C ARG A 248 -5.02 -15.15 25.12
N LEU A 249 -6.22 -14.68 25.46
CA LEU A 249 -7.21 -14.30 24.46
C LEU A 249 -6.73 -13.11 23.64
N TYR A 250 -6.14 -12.09 24.28
CA TYR A 250 -5.67 -10.93 23.52
C TYR A 250 -4.54 -11.31 22.58
N VAL A 251 -3.66 -12.20 23.02
CA VAL A 251 -2.59 -12.67 22.15
C VAL A 251 -3.17 -13.44 20.96
N SER A 252 -4.23 -14.21 21.19
CA SER A 252 -4.88 -14.88 20.06
C SER A 252 -5.58 -13.89 19.14
N ILE A 253 -6.06 -12.76 19.68
CA ILE A 253 -6.88 -11.85 18.88
C ILE A 253 -6.00 -10.98 17.99
N GLY A 254 -5.06 -10.25 18.59
CA GLY A 254 -4.39 -9.19 17.87
C GLY A 254 -3.49 -9.67 16.75
N TRP A 255 -2.98 -10.90 16.86
CA TRP A 255 -2.28 -11.52 15.77
C TRP A 255 -3.13 -12.56 15.03
N GLY A 256 -4.16 -13.10 15.67
CA GLY A 256 -4.94 -14.16 15.08
C GLY A 256 -6.01 -13.72 14.11
N VAL A 257 -6.91 -12.83 14.55
CA VAL A 257 -7.99 -12.38 13.68
C VAL A 257 -7.48 -11.72 12.40
N PRO A 258 -6.51 -10.80 12.44
CA PRO A 258 -6.00 -10.25 11.18
C PRO A 258 -5.46 -11.30 10.24
N LEU A 259 -4.87 -12.38 10.77
CA LEU A 259 -4.56 -13.53 9.92
C LEU A 259 -5.85 -14.15 9.39
N LEU A 260 -6.89 -14.18 10.22
CA LEU A 260 -8.11 -14.90 9.88
C LEU A 260 -8.82 -14.28 8.67
N PHE A 261 -8.79 -12.96 8.54
CA PHE A 261 -9.37 -12.38 7.34
C PHE A 261 -8.33 -11.91 6.32
N VAL A 262 -7.05 -11.94 6.66
CA VAL A 262 -6.03 -11.51 5.71
C VAL A 262 -5.62 -12.66 4.79
N VAL A 263 -5.58 -13.90 5.32
CA VAL A 263 -5.26 -15.05 4.47
C VAL A 263 -6.24 -15.20 3.30
N PRO A 264 -7.57 -15.13 3.49
CA PRO A 264 -8.46 -15.24 2.33
C PRO A 264 -8.21 -14.17 1.28
N TRP A 265 -7.79 -12.97 1.69
CA TRP A 265 -7.47 -11.93 0.72
C TRP A 265 -6.31 -12.33 -0.18
N GLY A 266 -5.34 -13.06 0.37
CA GLY A 266 -4.26 -13.56 -0.47
C GLY A 266 -4.69 -14.72 -1.34
N ILE A 267 -5.59 -15.57 -0.83
CA ILE A 267 -6.09 -16.68 -1.65
C ILE A 267 -6.83 -16.15 -2.86
N VAL A 268 -7.77 -15.23 -2.63
CA VAL A 268 -8.47 -14.58 -3.74
C VAL A 268 -7.49 -13.78 -4.59
N LYS A 269 -6.44 -13.24 -3.97
CA LYS A 269 -5.48 -12.45 -4.72
C LYS A 269 -4.69 -13.30 -5.71
N TYR A 270 -4.49 -14.60 -5.44
CA TYR A 270 -4.00 -15.43 -6.53
C TYR A 270 -5.12 -15.84 -7.47
N LEU A 271 -6.28 -16.22 -6.93
CA LEU A 271 -7.34 -16.74 -7.79
C LEU A 271 -7.82 -15.69 -8.78
N TYR A 272 -7.73 -14.42 -8.41
CA TYR A 272 -8.07 -13.32 -9.31
C TYR A 272 -7.15 -12.15 -8.98
N GLU A 273 -6.85 -11.35 -10.01
CA GLU A 273 -5.90 -10.25 -9.91
C GLU A 273 -4.52 -10.71 -9.46
N ASP A 274 -4.15 -11.95 -9.79
CA ASP A 274 -2.77 -12.40 -9.60
C ASP A 274 -1.80 -11.63 -10.49
N GLU A 275 -2.28 -11.10 -11.61
CA GLU A 275 -1.46 -10.28 -12.48
C GLU A 275 -1.20 -8.89 -11.92
N ALA A 276 -1.88 -8.53 -10.84
CA ALA A 276 -1.74 -7.22 -10.21
C ALA A 276 -0.64 -7.15 -9.15
N CYS A 277 0.03 -8.27 -8.84
CA CYS A 277 1.03 -8.34 -7.77
C CYS A 277 0.46 -7.89 -6.43
N TRP A 278 -0.86 -7.97 -6.28
CA TRP A 278 -1.55 -7.65 -5.02
C TRP A 278 -1.21 -6.23 -4.55
N ALA A 279 -1.00 -5.32 -5.51
CA ALA A 279 -0.68 -3.93 -5.24
C ALA A 279 -1.87 -3.06 -5.61
N ARG A 280 -2.04 -2.82 -6.91
CA ARG A 280 -3.30 -2.29 -7.40
C ARG A 280 -4.36 -3.37 -7.30
N ASN A 281 -5.58 -2.97 -6.96
CA ASN A 281 -6.67 -3.94 -6.80
C ASN A 281 -7.95 -3.38 -7.38
N SER A 282 -8.63 -4.20 -8.17
CA SER A 282 -9.98 -3.96 -8.65
C SER A 282 -10.93 -4.86 -7.86
N ASN A 283 -12.15 -5.05 -8.36
CA ASN A 283 -13.16 -5.85 -7.68
C ASN A 283 -13.28 -5.42 -6.22
N MET A 284 -14.02 -4.35 -5.96
CA MET A 284 -13.95 -3.67 -4.68
C MET A 284 -14.34 -4.57 -3.51
N ASN A 285 -15.15 -5.59 -3.75
CA ASN A 285 -15.52 -6.50 -2.66
C ASN A 285 -14.30 -7.23 -2.11
N TYR A 286 -13.35 -7.59 -2.98
CA TYR A 286 -12.13 -8.25 -2.51
C TYR A 286 -11.32 -7.35 -1.61
N TRP A 287 -11.32 -6.04 -1.90
CA TRP A 287 -10.64 -5.09 -1.03
C TRP A 287 -11.43 -4.84 0.25
N LEU A 288 -12.76 -4.99 0.19
CA LEU A 288 -13.57 -4.98 1.39
C LEU A 288 -13.30 -6.20 2.26
N ILE A 289 -12.76 -7.27 1.68
CA ILE A 289 -12.42 -8.45 2.47
C ILE A 289 -11.38 -8.12 3.52
N ILE A 290 -10.46 -7.22 3.24
CA ILE A 290 -9.50 -6.80 4.25
C ILE A 290 -9.97 -5.55 4.98
N ARG A 291 -10.40 -4.51 4.24
CA ARG A 291 -10.70 -3.26 4.92
C ARG A 291 -11.94 -3.35 5.81
N LEU A 292 -12.95 -4.14 5.41
CA LEU A 292 -14.18 -4.20 6.19
C LEU A 292 -13.96 -4.68 7.62
N PRO A 293 -13.24 -5.79 7.86
CA PRO A 293 -12.90 -6.10 9.26
C PRO A 293 -12.08 -5.01 9.92
N ILE A 294 -11.22 -4.33 9.17
CA ILE A 294 -10.44 -3.22 9.73
C ILE A 294 -11.35 -2.06 10.10
N LEU A 295 -12.39 -1.81 9.27
CA LEU A 295 -13.38 -0.80 9.63
C LEU A 295 -14.14 -1.22 10.88
N PHE A 296 -14.37 -2.53 11.05
CA PHE A 296 -15.03 -3.03 12.24
C PHE A 296 -14.18 -2.78 13.49
N ALA A 297 -12.88 -3.06 13.41
CA ALA A 297 -12.00 -2.80 14.55
C ALA A 297 -11.90 -1.31 14.83
N ILE A 298 -11.92 -0.47 13.78
CA ILE A 298 -11.83 0.97 13.99
C ILE A 298 -13.07 1.49 14.69
N GLY A 299 -14.25 1.10 14.20
CA GLY A 299 -15.47 1.61 14.80
C GLY A 299 -15.72 1.07 16.20
N VAL A 300 -15.37 -0.19 16.43
CA VAL A 300 -15.56 -0.76 17.77
C VAL A 300 -14.58 -0.14 18.75
N ASN A 301 -13.33 0.05 18.34
CA ASN A 301 -12.37 0.72 19.22
C ASN A 301 -12.79 2.15 19.51
N PHE A 302 -13.39 2.82 18.52
CA PHE A 302 -13.89 4.17 18.76
C PHE A 302 -15.05 4.16 19.75
N LEU A 303 -15.97 3.20 19.62
CA LEU A 303 -17.12 3.18 20.52
C LEU A 303 -16.70 2.86 21.95
N ILE A 304 -15.72 1.96 22.12
CA ILE A 304 -15.19 1.71 23.45
C ILE A 304 -14.45 2.94 23.97
N PHE A 305 -13.83 3.71 23.06
CA PHE A 305 -13.19 4.96 23.46
C PHE A 305 -14.21 5.94 24.01
N VAL A 306 -15.32 6.13 23.30
CA VAL A 306 -16.36 7.06 23.74
C VAL A 306 -17.00 6.56 25.03
N ARG A 307 -17.18 5.25 25.17
CA ARG A 307 -17.76 4.74 26.41
C ARG A 307 -16.83 4.98 27.59
N VAL A 308 -15.51 4.86 27.37
CA VAL A 308 -14.56 5.18 28.44
C VAL A 308 -14.63 6.66 28.78
N ILE A 309 -14.86 7.50 27.76
CA ILE A 309 -15.05 8.92 28.04
C ILE A 309 -16.28 9.14 28.90
N ALA A 310 -17.34 8.37 28.67
CA ALA A 310 -18.53 8.49 29.51
C ALA A 310 -18.25 8.03 30.93
N ILE A 311 -17.42 6.99 31.10
CA ILE A 311 -17.11 6.52 32.44
C ILE A 311 -16.32 7.58 33.20
N VAL A 312 -15.33 8.19 32.54
CA VAL A 312 -14.57 9.25 33.20
C VAL A 312 -15.44 10.47 33.47
N VAL A 313 -16.40 10.74 32.59
CA VAL A 313 -17.33 11.86 32.83
C VAL A 313 -18.18 11.58 34.06
N SER A 314 -18.51 10.31 34.32
CA SER A 314 -19.35 9.99 35.46
C SER A 314 -18.55 9.92 36.77
N LYS A 315 -17.33 9.38 36.72
CA LYS A 315 -16.63 9.03 37.95
C LYS A 315 -15.81 10.17 38.56
N LEU A 316 -15.28 11.09 37.76
CA LEU A 316 -14.48 12.19 38.26
C LEU A 316 -15.29 13.48 38.44
N LYS A 317 -16.61 13.36 38.55
CA LYS A 317 -17.49 14.53 38.42
C LYS A 317 -17.21 15.59 39.47
N ALA A 318 -16.77 15.20 40.67
CA ALA A 318 -16.58 16.16 41.74
C ALA A 318 -15.18 16.76 41.77
N ASN A 319 -14.16 15.99 41.43
CA ASN A 319 -12.79 16.42 41.61
C ASN A 319 -12.31 17.24 40.42
N LEU A 320 -11.66 18.37 40.71
CA LEU A 320 -10.93 19.14 39.72
C LEU A 320 -9.69 19.71 40.38
N MET A 321 -8.53 19.27 39.92
CA MET A 321 -7.24 19.80 40.33
C MET A 321 -6.53 20.33 39.09
N CYS A 322 -5.43 21.04 39.32
CA CYS A 322 -4.70 21.59 38.17
C CYS A 322 -4.17 20.47 37.28
N LYS A 323 -3.77 19.35 37.88
CA LYS A 323 -3.39 18.19 37.07
C LYS A 323 -4.56 17.66 36.27
N THR A 324 -5.78 17.72 36.81
CA THR A 324 -6.95 17.37 36.02
C THR A 324 -7.15 18.35 34.88
N ASP A 325 -6.81 19.62 35.09
CA ASP A 325 -6.85 20.58 34.00
C ASP A 325 -5.84 20.25 32.91
N ILE A 326 -4.72 19.61 33.27
CA ILE A 326 -3.70 19.27 32.30
C ILE A 326 -4.09 18.00 31.57
N LYS A 327 -4.14 16.88 32.31
CA LYS A 327 -4.39 15.57 31.69
C LYS A 327 -5.77 15.49 31.06
N CYS A 328 -6.76 16.18 31.64
CA CYS A 328 -8.09 16.18 31.02
C CYS A 328 -8.06 16.88 29.66
N ARG A 329 -7.32 17.99 29.57
CA ARG A 329 -7.13 18.64 28.29
C ARG A 329 -6.35 17.77 27.33
N LEU A 330 -5.42 16.96 27.84
CA LEU A 330 -4.73 16.00 26.99
C LEU A 330 -5.70 14.94 26.46
N ALA A 331 -6.68 14.56 27.28
CA ALA A 331 -7.74 13.68 26.79
C ALA A 331 -8.58 14.36 25.73
N LYS A 332 -8.78 15.68 25.84
CA LYS A 332 -9.42 16.40 24.75
C LYS A 332 -8.56 16.37 23.49
N SER A 333 -7.23 16.35 23.64
CA SER A 333 -6.36 16.27 22.49
C SER A 333 -6.49 14.93 21.79
N THR A 334 -6.41 13.83 22.54
CA THR A 334 -6.54 12.52 21.93
C THR A 334 -7.93 12.29 21.34
N LEU A 335 -8.98 12.85 21.97
CA LEU A 335 -10.31 12.74 21.40
C LEU A 335 -10.40 13.48 20.09
N THR A 336 -9.97 14.75 20.07
CA THR A 336 -10.09 15.55 18.86
C THR A 336 -9.23 15.01 17.74
N LEU A 337 -8.16 14.29 18.08
CA LEU A 337 -7.32 13.67 17.06
C LEU A 337 -7.91 12.38 16.53
N ILE A 338 -8.37 11.48 17.40
CA ILE A 338 -8.81 10.16 16.98
C ILE A 338 -10.33 10.05 16.92
N ALA A 339 -11.02 10.49 17.98
CA ALA A 339 -12.46 10.32 18.03
C ALA A 339 -13.17 11.26 17.07
N LEU A 340 -12.84 12.55 17.12
CA LEU A 340 -13.52 13.53 16.27
C LEU A 340 -13.22 13.33 14.80
N LEU A 341 -12.02 12.86 14.45
CA LEU A 341 -11.59 12.87 13.06
C LEU A 341 -11.39 11.48 12.47
N ALA A 342 -10.63 10.61 13.14
CA ALA A 342 -10.23 9.36 12.50
C ALA A 342 -11.45 8.51 12.14
N THR A 343 -12.39 8.35 13.09
CA THR A 343 -13.56 7.53 12.80
C THR A 343 -14.46 8.16 11.75
N VAL A 344 -14.43 9.49 11.60
CA VAL A 344 -15.25 10.13 10.57
C VAL A 344 -14.75 9.73 9.19
N GLU A 345 -13.45 9.91 8.95
CA GLU A 345 -12.86 9.52 7.68
C GLU A 345 -12.93 8.02 7.44
N VAL A 346 -12.82 7.21 8.49
CA VAL A 346 -12.79 5.77 8.28
C VAL A 346 -14.19 5.23 8.04
N ILE A 347 -15.17 5.69 8.81
CA ILE A 347 -16.54 5.21 8.62
C ILE A 347 -17.11 5.73 7.31
N PHE A 348 -16.83 6.99 6.97
CA PHE A 348 -17.24 7.46 5.65
C PHE A 348 -16.43 6.81 4.54
N ALA A 349 -15.24 6.30 4.85
CA ALA A 349 -14.36 5.70 3.84
C ALA A 349 -15.00 4.49 3.18
N PHE A 350 -15.96 3.84 3.83
CA PHE A 350 -16.69 2.76 3.18
C PHE A 350 -17.42 3.25 1.93
N VAL A 351 -17.80 4.53 1.91
CA VAL A 351 -18.35 5.16 0.72
C VAL A 351 -17.31 5.99 -0.04
N MET A 352 -16.24 6.42 0.62
CA MET A 352 -15.31 7.38 0.04
C MET A 352 -14.37 6.79 -1.01
N ASP A 353 -14.23 5.47 -1.09
CA ASP A 353 -13.44 4.90 -2.18
C ASP A 353 -14.29 4.35 -3.33
N GLU A 354 -15.55 3.98 -3.05
CA GLU A 354 -16.44 3.59 -4.14
C GLU A 354 -16.77 4.79 -5.03
N HIS A 355 -16.73 5.99 -4.49
CA HIS A 355 -16.95 7.21 -5.24
C HIS A 355 -16.48 8.39 -4.38
N ALA A 356 -16.87 9.61 -4.77
CA ALA A 356 -16.49 10.83 -4.06
C ALA A 356 -14.96 11.01 -3.98
N ARG A 357 -14.32 10.84 -5.14
CA ARG A 357 -12.89 11.07 -5.27
C ARG A 357 -12.62 12.54 -5.63
N GLY A 358 -11.34 12.92 -5.54
CA GLY A 358 -10.92 14.26 -5.90
C GLY A 358 -9.96 14.85 -4.88
N THR A 359 -9.99 16.18 -4.71
CA THR A 359 -9.22 16.79 -3.64
C THR A 359 -9.68 16.28 -2.27
N LEU A 360 -10.95 15.88 -2.19
CA LEU A 360 -11.45 15.25 -0.98
C LEU A 360 -10.73 13.93 -0.70
N ARG A 361 -10.42 13.18 -1.76
CA ARG A 361 -9.59 11.98 -1.60
C ARG A 361 -8.19 12.32 -1.12
N PHE A 362 -7.66 13.46 -1.57
CA PHE A 362 -6.32 13.87 -1.16
C PHE A 362 -6.28 14.26 0.30
N ILE A 363 -7.29 15.01 0.77
CA ILE A 363 -7.36 15.35 2.18
C ILE A 363 -7.59 14.09 3.02
N LYS A 364 -8.35 13.13 2.48
CA LYS A 364 -8.60 11.89 3.22
C LYS A 364 -7.31 11.11 3.43
N LEU A 365 -6.56 10.88 2.35
CA LEU A 365 -5.29 10.18 2.48
C LEU A 365 -4.29 10.98 3.32
N PHE A 366 -4.39 12.31 3.28
CA PHE A 366 -3.50 13.15 4.08
C PHE A 366 -3.75 12.95 5.56
N THR A 367 -5.00 13.06 6.00
CA THR A 367 -5.30 12.93 7.42
C THR A 367 -5.07 11.50 7.91
N GLU A 368 -5.51 10.50 7.14
CA GLU A 368 -5.34 9.13 7.60
C GLU A 368 -3.88 8.71 7.62
N LEU A 369 -3.13 9.07 6.56
CA LEU A 369 -1.72 8.70 6.50
C LEU A 369 -0.92 9.39 7.60
N SER A 370 -1.11 10.71 7.75
CA SER A 370 -0.38 11.41 8.80
C SER A 370 -0.78 10.90 10.17
N PHE A 371 -2.04 10.54 10.33
CA PHE A 371 -2.49 10.04 11.61
C PHE A 371 -1.80 8.73 11.91
N THR A 372 -2.15 7.65 11.21
CA THR A 372 -1.61 6.35 11.58
C THR A 372 -0.09 6.32 11.51
N SER A 373 0.51 7.19 10.70
CA SER A 373 1.97 7.25 10.67
C SER A 373 2.53 7.80 11.97
N PHE A 374 1.97 8.90 12.47
CA PHE A 374 2.47 9.49 13.71
C PHE A 374 1.87 8.86 14.96
N GLN A 375 0.87 7.97 14.83
CA GLN A 375 0.26 7.37 16.01
C GLN A 375 1.23 6.46 16.76
N GLY A 376 2.21 5.89 16.06
CA GLY A 376 3.19 5.08 16.75
C GLY A 376 4.10 5.92 17.63
N LEU A 377 4.45 7.12 17.17
CA LEU A 377 5.19 8.04 18.01
C LEU A 377 4.33 8.57 19.15
N MET A 378 3.04 8.81 18.88
CA MET A 378 2.13 9.24 19.93
C MET A 378 1.93 8.16 20.99
N VAL A 379 1.95 6.90 20.58
CA VAL A 379 1.82 5.80 21.53
C VAL A 379 3.12 5.59 22.28
N ALA A 380 4.26 5.81 21.62
CA ALA A 380 5.55 5.68 22.29
C ALA A 380 5.70 6.75 23.37
N ILE A 381 5.41 8.02 23.03
CA ILE A 381 5.48 9.07 24.03
C ILE A 381 4.39 8.90 25.09
N LEU A 382 3.22 8.39 24.70
CA LEU A 382 2.09 8.38 25.61
C LEU A 382 2.20 7.26 26.65
N TYR A 383 2.55 6.06 26.21
CA TYR A 383 2.58 4.91 27.11
C TYR A 383 3.92 4.70 27.79
N CYS A 384 4.95 5.48 27.44
CA CYS A 384 6.27 5.25 28.03
C CYS A 384 6.92 6.55 28.50
N PHE A 385 7.33 7.40 27.57
CA PHE A 385 8.14 8.56 27.92
C PHE A 385 7.38 9.53 28.82
N ALA A 386 6.07 9.66 28.60
CA ALA A 386 5.27 10.58 29.41
C ALA A 386 4.70 9.93 30.67
N ASN A 387 4.82 8.63 30.84
CA ASN A 387 4.30 7.98 32.03
C ASN A 387 5.07 8.44 33.25
N ASN A 388 4.34 8.69 34.35
CA ASN A 388 4.97 9.26 35.55
C ASN A 388 5.91 8.26 36.22
N GLU A 389 5.48 7.00 36.33
CA GLU A 389 6.33 6.00 36.97
C GLU A 389 7.59 5.75 36.16
N VAL A 390 7.52 5.83 34.83
CA VAL A 390 8.71 5.70 34.01
C VAL A 390 9.63 6.90 34.19
N GLN A 391 9.07 8.08 34.50
CA GLN A 391 9.89 9.26 34.70
C GLN A 391 10.62 9.21 36.05
N LEU A 392 9.89 8.91 37.12
CA LEU A 392 10.54 8.78 38.43
C LEU A 392 11.51 7.61 38.46
N GLU A 393 11.17 6.51 37.78
CA GLU A 393 12.08 5.38 37.69
C GLU A 393 13.31 5.71 36.85
N PHE A 394 13.15 6.54 35.82
CA PHE A 394 14.30 6.97 35.03
C PHE A 394 15.20 7.89 35.86
N ARG A 395 14.59 8.72 36.71
CA ARG A 395 15.38 9.60 37.56
C ARG A 395 15.95 8.88 38.78
N LYS A 396 15.49 7.65 39.06
CA LYS A 396 16.05 6.88 40.16
C LYS A 396 17.51 6.49 39.91
N SER A 397 17.88 6.30 38.65
CA SER A 397 19.24 5.95 38.28
C SER A 397 19.87 7.00 37.38
N TRP A 398 19.27 7.29 36.22
CA TRP A 398 19.65 8.41 35.36
C TRP A 398 21.10 8.33 34.85
N GLY B 3 -2.47 0.44 1.70
CA GLY B 3 -3.10 -0.44 0.73
C GLY B 3 -3.90 0.37 -0.30
N THR B 4 -4.64 1.40 0.12
CA THR B 4 -5.44 2.24 -0.78
C THR B 4 -4.55 3.16 -1.65
N THR B 6 -1.35 2.72 -2.48
CA THR B 6 -0.56 1.89 -3.41
C THR B 6 -1.20 1.80 -4.80
N SER B 7 -2.53 1.70 -4.84
CA SER B 7 -3.34 1.61 -6.04
C SER B 7 -3.03 2.76 -7.01
N ASP B 8 -3.40 4.00 -6.65
CA ASP B 8 -3.16 5.19 -7.48
C ASP B 8 -1.67 5.37 -7.82
#